data_1HBJ
#
_entry.id   1HBJ
#
_cell.length_a   112.332
_cell.length_b   112.332
_cell.length_c   137.073
_cell.angle_alpha   90.00
_cell.angle_beta   90.00
_cell.angle_gamma   120.00
#
_symmetry.space_group_name_H-M   'P 31 2 1'
#
loop_
_entity.id
_entity.type
_entity.pdbx_description
1 polymer ACETYLCHOLINESTERASE
2 branched 2-acetamido-2-deoxy-beta-D-glucopyranose-(1-4)-2-acetamido-2-deoxy-beta-D-glucopyranose
3 non-polymer 2-acetamido-2-deoxy-beta-D-glucopyranose
4 non-polymer 1-[3-({[(4-AMINO-5-FLUORO-2-METHYLQUINOLIN-3-YL)METHYL]THIO}METHYL)PHENYL]-2,2,2-TRIFLUOROETHANE-1,1-DIOL
5 non-polymer '2-(N-MORPHOLINO)-ETHANESULFONIC ACID'
6 non-polymer 'TETRAETHYLENE GLYCOL'
7 water water
#
_entity_poly.entity_id   1
_entity_poly.type   'polypeptide(L)'
_entity_poly.pdbx_seq_one_letter_code
;DDHSELLVNTKSGKVMGTRVPVLSSHISAFLGIPFAEPPVGNMRFRRPEPKKPWSGVWNASTYPNNCQQYVDEQFPGFSG
SEMWNPNREMSEDCLYLNIWVPSPRPKSTTVMVWIYGGGFYSGSSTLDVYNGKYLAYTEEVVLVSLSYRVGAFGFLALHG
SQEAPGNVGLLDQRMALQWVHDNIQFFGGDPKTVTIFGESAGGASVGMHILSPGSRDLFRRAILQSGSPNCPWASVSVAE
GRRRAVELGRNLNCNLNSDEELIHCLREKKPQELIDVEWNVLPFDSIFRFSFVPVIDGEFFPTSLESMLNSGNFKKTQIL
LGVNKDEGSFFLLYGAPGFSKDSESKISREDFMSGVKLSVPHANDLGLDAVTLQYTDWMDDNNGIKNRDGLDDIVGDHNV
ICPLMHFVNKYTKFGNGTYLYFFNHRASNLVWPEWMGVIHGYEIEFVFGLPLVKELNYTAEEEALSRRIMHYWATFAKTG
NPNEPHSQESKWPLFTTKEQKFIDLNTEPMKVHQRLRVQMCVFWNQFLPKLLNATACDGELSS
;
_entity_poly.pdbx_strand_id   A
#
loop_
_chem_comp.id
_chem_comp.type
_chem_comp.name
_chem_comp.formula
FBQ non-polymer 1-[3-({[(4-AMINO-5-FLUORO-2-METHYLQUINOLIN-3-YL)METHYL]THIO}METHYL)PHENYL]-2,2,2-TRIFLUOROETHANE-1,1-DIOL 'C20 H18 F4 N2 O2 S'
MES non-polymer '2-(N-MORPHOLINO)-ETHANESULFONIC ACID' 'C6 H13 N O4 S'
NAG D-saccharide, beta linking 2-acetamido-2-deoxy-beta-D-glucopyranose 'C8 H15 N O6'
PG4 non-polymer 'TETRAETHYLENE GLYCOL' 'C8 H18 O5'
#
# COMPACT_ATOMS: atom_id res chain seq x y z
N SER A 4 16.90 13.38 29.33
CA SER A 4 15.81 12.32 29.30
C SER A 4 15.75 11.41 28.02
N GLU A 5 15.39 10.14 28.20
CA GLU A 5 15.30 9.21 27.07
C GLU A 5 14.08 9.52 26.14
N LEU A 6 13.13 10.30 26.63
CA LEU A 6 11.99 10.64 25.85
C LEU A 6 12.15 12.01 25.22
N LEU A 7 13.32 12.61 25.42
CA LEU A 7 13.54 13.93 24.82
C LEU A 7 14.58 13.77 23.74
N VAL A 8 14.22 14.14 22.51
CA VAL A 8 15.15 14.03 21.38
C VAL A 8 15.26 15.39 20.71
N ASN A 9 16.50 15.81 20.51
CA ASN A 9 16.67 17.10 19.85
C ASN A 9 16.89 16.89 18.34
N THR A 10 15.97 17.39 17.51
CA THR A 10 16.11 17.17 16.09
C THR A 10 16.39 18.49 15.38
N LYS A 11 16.70 18.40 14.08
CA LYS A 11 16.96 19.59 13.28
C LYS A 11 15.73 20.49 13.08
N SER A 12 14.55 20.01 13.43
CA SER A 12 13.35 20.83 13.27
C SER A 12 12.94 21.38 14.64
N GLY A 13 13.61 20.84 15.66
CA GLY A 13 13.38 21.23 17.04
C GLY A 13 13.32 20.05 18.00
N LYS A 14 13.09 20.37 19.26
CA LYS A 14 13.01 19.37 20.33
C LYS A 14 11.67 18.66 20.31
N VAL A 15 11.73 17.37 20.58
CA VAL A 15 10.54 16.52 20.57
C VAL A 15 10.45 15.72 21.86
N MET A 16 9.24 15.63 22.43
CA MET A 16 9.04 14.85 23.66
C MET A 16 8.06 13.69 23.53
N GLY A 17 8.60 12.50 23.76
CA GLY A 17 7.80 11.31 23.65
C GLY A 17 7.10 10.79 24.90
N THR A 18 6.75 9.52 24.85
CA THR A 18 6.04 8.87 25.91
C THR A 18 6.43 7.42 26.00
N ARG A 19 6.55 6.90 27.22
CA ARG A 19 6.95 5.50 27.43
C ARG A 19 5.70 4.65 27.24
N VAL A 20 5.78 3.60 26.42
CA VAL A 20 4.60 2.80 26.26
C VAL A 20 4.95 1.37 26.57
N PRO A 21 4.01 0.66 27.17
CA PRO A 21 4.20 -0.75 27.54
C PRO A 21 4.01 -1.69 26.34
N VAL A 22 4.80 -2.76 26.32
CA VAL A 22 4.74 -3.73 25.24
C VAL A 22 5.16 -5.09 25.74
N LEU A 23 4.31 -6.11 25.58
CA LEU A 23 4.72 -7.47 25.99
C LEU A 23 5.53 -7.56 27.33
N SER A 24 4.99 -6.90 28.36
CA SER A 24 5.60 -6.88 29.70
C SER A 24 6.97 -6.16 29.77
N SER A 25 7.16 -5.14 28.94
CA SER A 25 8.38 -4.35 28.95
C SER A 25 7.90 -2.98 28.49
N HIS A 26 8.83 -2.11 28.07
CA HIS A 26 8.42 -0.77 27.62
C HIS A 26 9.37 -0.24 26.53
N ILE A 27 8.83 0.58 25.62
CA ILE A 27 9.67 1.28 24.66
C ILE A 27 9.20 2.75 24.56
N SER A 28 9.90 3.58 23.80
CA SER A 28 9.48 4.98 23.67
C SER A 28 8.71 5.11 22.35
N ALA A 29 7.79 6.07 22.32
CA ALA A 29 7.00 6.33 21.13
C ALA A 29 6.95 7.84 20.96
N PHE A 30 7.27 8.34 19.78
CA PHE A 30 7.19 9.78 19.50
C PHE A 30 6.06 9.87 18.46
N LEU A 31 4.89 10.26 18.90
CA LEU A 31 3.77 10.25 18.03
C LEU A 31 3.42 11.63 17.58
N GLY A 32 2.94 11.69 16.33
CA GLY A 32 2.50 12.95 15.74
C GLY A 32 3.58 13.99 15.53
N ILE A 33 4.80 13.60 15.10
CA ILE A 33 5.85 14.59 14.79
C ILE A 33 5.49 15.19 13.42
N PRO A 34 5.41 16.53 13.29
CA PRO A 34 5.06 17.10 11.96
C PRO A 34 6.28 17.12 11.01
N PHE A 35 6.06 16.85 9.70
CA PHE A 35 7.22 16.86 8.78
C PHE A 35 7.05 17.79 7.60
N ALA A 36 5.92 18.50 7.62
CA ALA A 36 5.60 19.47 6.57
C ALA A 36 4.64 20.55 7.11
N GLU A 37 4.61 21.68 6.42
CA GLU A 37 3.66 22.69 6.77
C GLU A 37 2.25 22.10 6.48
N PRO A 38 1.25 22.42 7.31
CA PRO A 38 -0.13 21.92 7.10
C PRO A 38 -0.54 22.31 5.67
N PRO A 39 -0.95 21.35 4.83
CA PRO A 39 -1.32 21.76 3.48
C PRO A 39 -2.77 22.25 3.37
N VAL A 40 -3.05 23.33 4.09
CA VAL A 40 -4.41 23.89 4.13
C VAL A 40 -4.52 25.23 3.38
N GLY A 41 -5.77 25.61 3.11
CA GLY A 41 -6.09 26.84 2.41
C GLY A 41 -5.54 26.88 1.02
N ASN A 42 -4.85 27.95 0.69
CA ASN A 42 -4.26 28.12 -0.63
C ASN A 42 -3.16 27.04 -0.91
N MET A 43 -2.81 26.27 0.12
CA MET A 43 -1.81 25.17 0.01
C MET A 43 -2.44 23.84 -0.44
N ARG A 44 -3.76 23.74 -0.34
CA ARG A 44 -4.49 22.53 -0.74
C ARG A 44 -4.18 22.22 -2.23
N PHE A 45 -3.81 20.98 -2.51
CA PHE A 45 -3.43 20.48 -3.84
C PHE A 45 -1.98 20.78 -4.16
N ARG A 46 -1.35 21.69 -3.41
CA ARG A 46 0.06 22.05 -3.67
C ARG A 46 1.15 21.08 -3.17
N ARG A 47 2.38 21.18 -3.72
CA ARG A 47 3.49 20.34 -3.26
C ARG A 47 3.66 20.66 -1.77
N PRO A 48 3.99 19.67 -0.96
CA PRO A 48 4.14 20.06 0.45
C PRO A 48 5.39 20.95 0.70
N GLU A 49 5.40 21.70 1.79
CA GLU A 49 6.60 22.43 2.15
C GLU A 49 7.11 21.89 3.50
N PRO A 50 8.40 21.95 3.69
CA PRO A 50 9.04 21.46 4.93
C PRO A 50 8.49 22.19 6.15
N LYS A 51 8.37 21.46 7.25
CA LYS A 51 7.85 22.09 8.47
C LYS A 51 8.89 23.10 8.98
N LYS A 52 8.47 24.33 9.25
CA LYS A 52 9.42 25.32 9.77
C LYS A 52 9.78 24.93 11.20
N PRO A 53 11.08 24.94 11.52
CA PRO A 53 11.52 24.57 12.88
C PRO A 53 10.69 25.32 13.91
N TRP A 54 10.61 24.74 15.09
CA TRP A 54 9.83 25.32 16.18
C TRP A 54 10.69 25.47 17.41
N SER A 55 10.25 26.36 18.30
CA SER A 55 10.92 26.58 19.60
C SER A 55 10.16 25.76 20.57
N GLY A 56 10.78 25.50 21.72
CA GLY A 56 10.11 24.72 22.75
C GLY A 56 10.21 23.25 22.43
N VAL A 57 9.35 22.49 23.10
CA VAL A 57 9.32 21.04 22.99
C VAL A 57 7.98 20.61 22.40
N TRP A 58 8.06 19.89 21.27
CA TRP A 58 6.86 19.41 20.60
C TRP A 58 6.35 18.22 21.46
N ASN A 59 5.08 18.26 21.88
CA ASN A 59 4.49 17.18 22.70
C ASN A 59 4.23 16.03 21.70
N ALA A 60 5.04 14.96 21.72
CA ALA A 60 4.80 13.86 20.78
C ALA A 60 4.26 12.66 21.54
N SER A 61 3.18 12.86 22.28
CA SER A 61 2.68 11.75 23.11
C SER A 61 1.38 11.13 22.62
N THR A 62 0.74 11.78 21.67
CA THR A 62 -0.49 11.26 21.13
C THR A 62 -0.54 11.25 19.60
N TYR A 63 -1.30 10.31 19.05
CA TYR A 63 -1.45 10.23 17.61
C TYR A 63 -1.97 11.51 16.98
N PRO A 64 -1.56 11.76 15.75
CA PRO A 64 -2.03 12.96 15.07
C PRO A 64 -3.39 12.73 14.40
N ASN A 65 -3.94 13.78 13.79
CA ASN A 65 -5.17 13.66 13.03
C ASN A 65 -4.89 12.75 11.81
N ASN A 66 -5.96 12.28 11.19
CA ASN A 66 -5.81 11.49 9.99
C ASN A 66 -6.22 12.38 8.83
N CYS A 67 -5.61 12.18 7.67
CA CYS A 67 -5.98 12.97 6.51
C CYS A 67 -7.47 12.81 6.13
N GLN A 68 -8.03 13.86 5.53
CA GLN A 68 -9.44 13.81 5.10
C GLN A 68 -9.64 12.68 4.11
N GLN A 69 -10.69 11.88 4.29
CA GLN A 69 -10.90 10.71 3.40
C GLN A 69 -12.29 10.07 3.53
N TYR A 70 -12.61 9.30 2.50
CA TYR A 70 -13.84 8.52 2.44
C TYR A 70 -13.84 7.54 3.64
N VAL A 71 -14.97 7.43 4.34
CA VAL A 71 -15.04 6.54 5.50
C VAL A 71 -15.94 5.35 5.13
N ASP A 72 -15.48 4.11 5.28
CA ASP A 72 -16.32 2.96 4.94
C ASP A 72 -17.46 2.82 5.93
N GLU A 73 -18.69 2.75 5.43
CA GLU A 73 -19.86 2.59 6.27
C GLU A 73 -20.69 1.40 5.82
N GLN A 74 -20.14 0.63 4.88
CA GLN A 74 -20.85 -0.56 4.44
C GLN A 74 -21.32 -1.52 5.56
N PHE A 75 -20.56 -1.68 6.64
CA PHE A 75 -20.94 -2.62 7.74
C PHE A 75 -20.76 -2.00 9.14
N PRO A 76 -21.63 -1.05 9.49
CA PRO A 76 -21.52 -0.40 10.79
C PRO A 76 -21.34 -1.39 11.90
N GLY A 77 -20.28 -1.22 12.67
CA GLY A 77 -20.06 -2.12 13.78
C GLY A 77 -19.15 -3.30 13.51
N PHE A 78 -19.08 -3.70 12.26
CA PHE A 78 -18.28 -4.85 11.91
C PHE A 78 -16.82 -4.47 12.10
N SER A 79 -16.08 -5.22 12.90
CA SER A 79 -14.71 -4.81 13.15
C SER A 79 -13.86 -5.02 11.89
N GLY A 80 -14.25 -6.01 11.10
CA GLY A 80 -13.49 -6.28 9.89
C GLY A 80 -13.30 -5.06 9.00
N SER A 81 -14.33 -4.22 8.86
CA SER A 81 -14.22 -3.04 8.06
C SER A 81 -13.83 -1.77 8.88
N GLU A 82 -14.41 -1.61 10.09
CA GLU A 82 -14.17 -0.45 10.96
C GLU A 82 -12.68 -0.33 11.33
N MET A 83 -11.97 -1.46 11.45
CA MET A 83 -10.56 -1.41 11.81
C MET A 83 -9.64 -0.62 10.82
N TRP A 84 -10.15 -0.36 9.60
CA TRP A 84 -9.39 0.36 8.57
C TRP A 84 -9.78 1.85 8.51
N ASN A 85 -10.94 2.19 9.07
CA ASN A 85 -11.41 3.56 9.07
C ASN A 85 -10.55 4.42 9.96
N PRO A 86 -10.53 5.74 9.70
CA PRO A 86 -9.73 6.68 10.51
C PRO A 86 -10.17 6.49 11.96
N ASN A 87 -9.23 6.50 12.92
CA ASN A 87 -9.57 6.37 14.33
C ASN A 87 -9.20 7.69 15.11
N ARG A 88 -9.04 8.78 14.38
CA ARG A 88 -8.72 10.09 14.95
C ARG A 88 -9.57 11.08 14.19
N GLU A 89 -9.65 12.29 14.67
CA GLU A 89 -10.36 13.31 13.93
C GLU A 89 -9.68 13.35 12.56
N MET A 90 -10.44 13.68 11.54
CA MET A 90 -9.87 13.86 10.22
C MET A 90 -9.61 15.36 10.07
N SER A 91 -8.57 15.68 9.33
CA SER A 91 -8.19 17.06 9.13
C SER A 91 -7.24 17.21 7.95
N GLU A 92 -7.34 18.34 7.22
CA GLU A 92 -6.39 18.55 6.15
C GLU A 92 -5.02 18.76 6.75
N ASP A 93 -4.98 19.11 8.04
CA ASP A 93 -3.71 19.28 8.75
C ASP A 93 -3.36 17.88 9.24
N CYS A 94 -2.66 17.14 8.40
CA CYS A 94 -2.39 15.74 8.75
C CYS A 94 -1.05 15.20 8.41
N LEU A 95 -0.12 16.05 8.03
CA LEU A 95 1.20 15.53 7.64
C LEU A 95 2.17 15.32 8.80
N TYR A 96 1.98 14.20 9.50
CA TYR A 96 2.78 13.81 10.65
C TYR A 96 3.34 12.40 10.51
N LEU A 97 4.34 12.07 11.33
CA LEU A 97 4.88 10.72 11.33
C LEU A 97 5.02 10.22 12.79
N ASN A 98 5.10 8.91 12.98
CA ASN A 98 5.21 8.29 14.28
C ASN A 98 6.47 7.44 14.33
N ILE A 99 7.12 7.39 15.51
CA ILE A 99 8.34 6.62 15.69
C ILE A 99 8.37 5.77 16.97
N TRP A 100 8.59 4.46 16.84
CA TRP A 100 8.69 3.62 18.01
C TRP A 100 10.20 3.30 18.11
N VAL A 101 10.77 3.59 19.28
CA VAL A 101 12.19 3.42 19.52
C VAL A 101 12.47 2.48 20.69
N PRO A 102 13.32 1.47 20.44
CA PRO A 102 13.69 0.50 21.47
C PRO A 102 14.22 1.24 22.74
N SER A 103 14.12 0.61 23.89
CA SER A 103 14.60 1.20 25.12
C SER A 103 15.44 0.14 25.84
N PRO A 104 16.66 0.50 26.24
CA PRO A 104 17.23 1.84 26.05
C PRO A 104 17.47 2.20 24.56
N ARG A 105 17.51 3.50 24.27
CA ARG A 105 17.72 4.06 22.92
C ARG A 105 18.93 3.47 22.19
N PRO A 106 18.73 2.95 20.96
CA PRO A 106 19.82 2.35 20.17
C PRO A 106 20.79 3.47 19.83
N LYS A 107 21.97 3.12 19.35
CA LYS A 107 22.92 4.15 18.96
C LYS A 107 22.78 4.32 17.43
N SER A 108 22.64 3.19 16.73
CA SER A 108 22.52 3.21 15.27
C SER A 108 21.93 1.91 14.71
N THR A 109 20.61 1.74 14.78
CA THR A 109 20.06 0.48 14.22
C THR A 109 19.15 0.60 12.99
N THR A 110 18.81 -0.59 12.47
CA THR A 110 17.95 -0.68 11.31
C THR A 110 16.66 0.11 11.57
N VAL A 111 16.29 0.88 10.54
CA VAL A 111 15.09 1.72 10.53
C VAL A 111 14.11 1.13 9.48
N MET A 112 12.82 1.01 9.83
CA MET A 112 11.78 0.52 8.93
C MET A 112 10.73 1.62 8.86
N VAL A 113 10.34 2.02 7.64
CA VAL A 113 9.34 3.09 7.42
C VAL A 113 8.13 2.50 6.70
N TRP A 114 7.00 2.53 7.39
CA TRP A 114 5.76 1.97 6.91
C TRP A 114 4.93 2.98 6.14
N ILE A 115 4.40 2.55 4.99
CA ILE A 115 3.55 3.41 4.14
C ILE A 115 2.20 2.72 3.99
N TYR A 116 1.16 3.27 4.61
CA TYR A 116 -0.16 2.62 4.55
C TYR A 116 -0.81 2.57 3.20
N GLY A 117 -1.65 1.57 3.03
CA GLY A 117 -2.41 1.41 1.78
C GLY A 117 -3.74 2.12 1.97
N GLY A 118 -4.68 1.85 1.04
CA GLY A 118 -5.99 2.48 1.09
C GLY A 118 -6.39 3.02 -0.29
N GLY A 119 -5.86 2.36 -1.34
CA GLY A 119 -6.19 2.74 -2.71
C GLY A 119 -5.89 4.19 -3.13
N PHE A 120 -5.02 4.88 -2.39
CA PHE A 120 -4.72 6.30 -2.66
C PHE A 120 -5.93 7.20 -2.33
N TYR A 121 -7.04 6.62 -1.85
CA TYR A 121 -8.18 7.43 -1.50
C TYR A 121 -8.44 7.41 0.00
N SER A 122 -7.66 6.63 0.75
CA SER A 122 -7.86 6.57 2.20
C SER A 122 -6.67 5.95 2.82
N GLY A 123 -6.74 5.80 4.15
CA GLY A 123 -5.65 5.24 4.92
C GLY A 123 -5.21 6.12 6.10
N SER A 124 -4.66 5.49 7.14
CA SER A 124 -4.21 6.17 8.34
C SER A 124 -2.99 5.44 8.91
N SER A 125 -2.12 6.19 9.56
CA SER A 125 -0.92 5.61 10.11
C SER A 125 -1.22 5.24 11.55
N THR A 126 -2.37 5.68 12.06
CA THR A 126 -2.69 5.49 13.46
C THR A 126 -3.54 4.29 13.84
N LEU A 127 -3.88 3.45 12.88
CA LEU A 127 -4.71 2.26 13.10
C LEU A 127 -4.05 1.29 14.08
N ASP A 128 -4.90 0.51 14.76
CA ASP A 128 -4.35 -0.48 15.70
C ASP A 128 -3.52 -1.52 14.95
N VAL A 129 -3.91 -1.92 13.73
CA VAL A 129 -3.10 -2.92 13.04
C VAL A 129 -1.74 -2.39 12.69
N TYR A 130 -1.54 -1.06 12.71
CA TYR A 130 -0.20 -0.55 12.35
C TYR A 130 0.64 -0.14 13.54
N ASN A 131 0.21 -0.47 14.77
CA ASN A 131 1.00 -0.09 15.94
C ASN A 131 2.39 -0.71 15.87
N GLY A 132 3.40 0.14 15.69
CA GLY A 132 4.75 -0.36 15.54
C GLY A 132 5.50 -0.86 16.79
N LYS A 133 4.86 -0.78 17.96
CA LYS A 133 5.58 -1.19 19.17
C LYS A 133 5.98 -2.64 19.23
N TYR A 134 5.13 -3.55 18.73
CA TYR A 134 5.53 -4.96 18.81
C TYR A 134 6.72 -5.28 17.94
N LEU A 135 6.84 -4.61 16.81
CA LEU A 135 7.95 -4.92 15.90
C LEU A 135 9.22 -4.17 16.27
N ALA A 136 9.07 -2.94 16.78
CA ALA A 136 10.22 -2.15 17.19
C ALA A 136 10.85 -2.95 18.31
N TYR A 137 9.99 -3.26 19.30
CA TYR A 137 10.39 -4.02 20.46
C TYR A 137 10.98 -5.40 20.18
N THR A 138 10.34 -6.20 19.34
CA THR A 138 10.82 -7.57 19.14
C THR A 138 12.05 -7.67 18.29
N GLU A 139 12.08 -6.89 17.21
CA GLU A 139 13.20 -6.96 16.30
C GLU A 139 14.27 -5.90 16.53
N GLU A 140 14.05 -5.05 17.55
CA GLU A 140 15.04 -4.02 17.89
C GLU A 140 15.29 -3.08 16.69
N VAL A 141 14.22 -2.61 16.07
CA VAL A 141 14.38 -1.69 14.97
C VAL A 141 13.67 -0.41 15.35
N VAL A 142 14.13 0.71 14.79
CA VAL A 142 13.40 1.96 14.99
C VAL A 142 12.30 1.91 13.89
N LEU A 143 11.04 1.88 14.31
CA LEU A 143 9.90 1.79 13.40
C LEU A 143 9.20 3.11 13.16
N VAL A 144 9.12 3.51 11.89
CA VAL A 144 8.43 4.77 11.55
C VAL A 144 7.23 4.50 10.68
N SER A 145 6.14 5.22 10.97
CA SER A 145 5.01 5.10 10.05
C SER A 145 4.79 6.54 9.62
N LEU A 146 4.71 6.76 8.31
CA LEU A 146 4.48 8.16 7.86
C LEU A 146 3.02 8.35 7.45
N SER A 147 2.70 9.54 6.97
CA SER A 147 1.34 9.75 6.51
C SER A 147 1.43 10.56 5.23
N TYR A 148 0.35 10.58 4.47
CA TYR A 148 0.32 11.33 3.21
C TYR A 148 -1.14 11.64 2.78
N ARG A 149 -1.31 12.78 2.09
CA ARG A 149 -2.64 13.18 1.61
C ARG A 149 -3.18 12.14 0.61
N VAL A 150 -4.46 11.82 0.72
CA VAL A 150 -5.10 10.85 -0.17
C VAL A 150 -6.27 11.51 -0.86
N GLY A 151 -6.89 10.79 -1.78
CA GLY A 151 -8.02 11.34 -2.51
C GLY A 151 -7.61 12.53 -3.37
N ALA A 152 -8.54 13.45 -3.57
CA ALA A 152 -8.29 14.62 -4.41
C ALA A 152 -7.21 15.46 -3.75
N PHE A 153 -7.26 15.54 -2.41
CA PHE A 153 -6.28 16.31 -1.65
C PHE A 153 -4.85 15.91 -1.96
N GLY A 154 -4.62 14.61 -2.18
CA GLY A 154 -3.26 14.16 -2.48
C GLY A 154 -2.93 13.88 -3.96
N PHE A 155 -3.96 13.77 -4.81
CA PHE A 155 -3.72 13.38 -6.19
C PHE A 155 -4.49 14.09 -7.30
N LEU A 156 -5.21 15.16 -6.96
CA LEU A 156 -5.91 15.91 -8.02
C LEU A 156 -4.76 16.34 -8.99
N ALA A 157 -4.92 16.09 -10.28
CA ALA A 157 -3.84 16.40 -11.23
C ALA A 157 -4.23 17.24 -12.47
N LEU A 158 -3.77 18.51 -12.53
CA LEU A 158 -4.01 19.38 -13.69
C LEU A 158 -2.62 19.66 -14.20
N HIS A 159 -2.03 18.70 -14.91
CA HIS A 159 -0.67 18.81 -15.41
C HIS A 159 -0.39 20.13 -16.12
N GLY A 160 0.71 20.81 -15.79
CA GLY A 160 1.01 22.10 -16.39
C GLY A 160 0.87 23.18 -15.32
N SER A 161 -0.13 23.04 -14.47
CA SER A 161 -0.40 23.98 -13.38
C SER A 161 0.55 23.72 -12.25
N GLN A 162 1.00 24.75 -11.55
CA GLN A 162 1.89 24.48 -10.41
C GLN A 162 1.07 24.46 -9.14
N GLU A 163 -0.19 24.86 -9.25
CA GLU A 163 -1.07 24.88 -8.09
C GLU A 163 -1.59 23.46 -7.70
N ALA A 164 -1.84 22.58 -8.68
CA ALA A 164 -2.30 21.19 -8.44
C ALA A 164 -1.68 20.31 -9.54
N PRO A 165 -0.36 20.15 -9.49
CA PRO A 165 0.44 19.38 -10.43
C PRO A 165 0.27 17.90 -10.45
N GLY A 166 -0.36 17.37 -9.38
CA GLY A 166 -0.50 15.94 -9.26
C GLY A 166 0.67 15.38 -8.42
N ASN A 167 0.48 14.14 -7.99
CA ASN A 167 1.44 13.41 -7.21
C ASN A 167 1.82 14.01 -5.89
N VAL A 168 1.09 15.03 -5.42
CA VAL A 168 1.55 15.64 -4.16
C VAL A 168 1.53 14.68 -2.94
N GLY A 169 0.64 13.69 -3.00
CA GLY A 169 0.62 12.69 -1.95
C GLY A 169 1.91 11.88 -2.01
N LEU A 170 2.44 11.65 -3.22
CA LEU A 170 3.70 10.93 -3.31
C LEU A 170 4.79 11.88 -2.75
N LEU A 171 4.70 13.19 -3.04
CA LEU A 171 5.72 14.13 -2.48
C LEU A 171 5.62 14.18 -0.90
N ASP A 172 4.40 14.07 -0.33
CA ASP A 172 4.29 14.00 1.13
C ASP A 172 5.13 12.79 1.62
N GLN A 173 4.94 11.62 1.02
CA GLN A 173 5.73 10.47 1.50
C GLN A 173 7.23 10.78 1.40
N ARG A 174 7.61 11.36 0.27
CA ARG A 174 9.01 11.67 0.02
C ARG A 174 9.59 12.60 1.11
N MET A 175 8.80 13.61 1.48
CA MET A 175 9.22 14.56 2.47
C MET A 175 9.45 13.92 3.83
N ALA A 176 8.53 13.02 4.22
CA ALA A 176 8.66 12.30 5.47
C ALA A 176 9.97 11.43 5.37
N LEU A 177 10.23 10.83 4.18
CA LEU A 177 11.47 10.02 4.06
C LEU A 177 12.73 10.93 4.14
N GLN A 178 12.60 12.17 3.65
CA GLN A 178 13.70 13.15 3.70
C GLN A 178 13.92 13.49 5.18
N TRP A 179 12.83 13.56 5.93
CA TRP A 179 12.95 13.93 7.34
C TRP A 179 13.56 12.79 8.15
N VAL A 180 13.18 11.57 7.82
CA VAL A 180 13.76 10.41 8.47
C VAL A 180 15.25 10.34 8.09
N HIS A 181 15.56 10.54 6.80
CA HIS A 181 16.95 10.56 6.39
C HIS A 181 17.76 11.62 7.20
N ASP A 182 17.20 12.82 7.36
CA ASP A 182 17.86 13.88 8.07
C ASP A 182 17.86 13.82 9.60
N ASN A 183 16.88 13.17 10.20
CA ASN A 183 16.81 13.18 11.66
C ASN A 183 16.77 11.88 12.40
N ILE A 184 16.61 10.76 11.70
CA ILE A 184 16.46 9.49 12.41
C ILE A 184 17.68 9.11 13.32
N GLN A 185 18.85 9.70 13.03
CA GLN A 185 20.06 9.41 13.82
C GLN A 185 19.82 9.84 15.27
N PHE A 186 19.08 10.93 15.45
CA PHE A 186 18.86 11.40 16.80
C PHE A 186 17.99 10.44 17.61
N PHE A 187 17.30 9.51 16.95
CA PHE A 187 16.47 8.56 17.66
C PHE A 187 17.16 7.21 17.73
N GLY A 188 18.45 7.19 17.34
CA GLY A 188 19.20 5.93 17.37
C GLY A 188 19.07 5.09 16.12
N GLY A 189 18.42 5.70 15.13
CA GLY A 189 18.23 5.05 13.85
C GLY A 189 19.39 5.32 12.94
N ASP A 190 19.73 4.32 12.13
CA ASP A 190 20.79 4.41 11.14
C ASP A 190 20.20 4.94 9.79
N PRO A 191 20.53 6.16 9.40
CA PRO A 191 19.92 6.58 8.14
C PRO A 191 20.41 5.90 6.88
N LYS A 192 21.48 5.11 6.98
CA LYS A 192 21.93 4.46 5.76
C LYS A 192 21.35 3.05 5.70
N THR A 193 20.41 2.81 6.59
CA THR A 193 19.80 1.50 6.55
C THR A 193 18.31 1.62 6.75
N VAL A 194 17.67 2.45 5.93
CA VAL A 194 16.25 2.51 6.09
C VAL A 194 15.57 1.72 4.98
N THR A 195 14.67 0.85 5.42
CA THR A 195 13.86 0.03 4.52
C THR A 195 12.45 0.62 4.46
N ILE A 196 11.96 1.00 3.27
CA ILE A 196 10.56 1.43 3.22
C ILE A 196 9.69 0.15 2.91
N PHE A 197 8.51 0.06 3.49
CA PHE A 197 7.63 -1.07 3.22
C PHE A 197 6.20 -0.62 3.33
N GLY A 198 5.29 -1.24 2.58
CA GLY A 198 3.90 -0.79 2.59
C GLY A 198 3.05 -1.81 1.91
N GLU A 199 1.75 -1.72 2.09
CA GLU A 199 0.85 -2.71 1.50
C GLU A 199 -0.25 -2.09 0.61
N SER A 200 -0.65 -2.83 -0.42
CA SER A 200 -1.68 -2.37 -1.38
C SER A 200 -1.16 -1.03 -1.99
N ALA A 201 -1.90 0.07 -1.87
CA ALA A 201 -1.38 1.34 -2.45
C ALA A 201 -0.03 1.70 -1.83
N GLY A 202 0.19 1.18 -0.61
CA GLY A 202 1.43 1.44 0.09
C GLY A 202 2.54 0.65 -0.55
N GLY A 203 2.19 -0.54 -1.06
CA GLY A 203 3.17 -1.37 -1.71
C GLY A 203 3.50 -0.77 -3.06
N ALA A 204 2.48 -0.30 -3.75
CA ALA A 204 2.68 0.36 -5.05
C ALA A 204 3.55 1.67 -4.83
N SER A 205 3.24 2.45 -3.78
CA SER A 205 4.03 3.66 -3.51
C SER A 205 5.52 3.29 -3.31
N VAL A 206 5.79 2.21 -2.55
CA VAL A 206 7.16 1.80 -2.29
C VAL A 206 7.82 1.59 -3.65
N GLY A 207 7.15 0.92 -4.55
CA GLY A 207 7.72 0.71 -5.88
C GLY A 207 7.93 1.99 -6.69
N MET A 208 7.06 2.96 -6.43
CA MET A 208 7.16 4.23 -7.13
C MET A 208 8.39 5.02 -6.62
N HIS A 209 8.76 4.87 -5.34
CA HIS A 209 9.92 5.56 -4.86
C HIS A 209 11.18 4.89 -5.40
N ILE A 210 11.09 3.58 -5.72
CA ILE A 210 12.18 2.82 -6.31
C ILE A 210 12.41 3.34 -7.74
N LEU A 211 11.31 3.69 -8.44
CA LEU A 211 11.41 4.21 -9.81
C LEU A 211 11.83 5.70 -9.87
N SER A 212 11.19 6.52 -9.05
CA SER A 212 11.47 7.94 -9.03
C SER A 212 12.87 8.40 -8.66
N PRO A 213 13.59 8.98 -9.65
CA PRO A 213 14.97 9.47 -9.42
C PRO A 213 14.97 10.37 -8.17
N GLY A 214 13.96 11.23 -8.05
CA GLY A 214 13.91 12.11 -6.89
C GLY A 214 13.78 11.43 -5.54
N SER A 215 13.43 10.15 -5.48
CA SER A 215 13.27 9.48 -4.21
C SER A 215 14.33 8.43 -3.93
N ARG A 216 15.01 7.91 -4.96
CA ARG A 216 15.97 6.81 -4.77
C ARG A 216 17.00 6.99 -3.67
N ASP A 217 17.48 8.21 -3.44
CA ASP A 217 18.57 8.32 -2.46
C ASP A 217 18.16 8.35 -0.97
N LEU A 218 16.86 8.46 -0.70
CA LEU A 218 16.39 8.56 0.66
C LEU A 218 16.19 7.25 1.42
N PHE A 219 16.51 6.09 0.83
CA PHE A 219 16.33 4.83 1.55
C PHE A 219 17.29 3.81 0.97
N ARG A 220 17.40 2.69 1.66
CA ARG A 220 18.31 1.64 1.26
C ARG A 220 17.67 0.41 0.54
N ARG A 221 16.56 -0.09 1.10
CA ARG A 221 15.87 -1.32 0.67
C ARG A 221 14.36 -1.17 0.74
N ALA A 222 13.65 -2.06 0.05
CA ALA A 222 12.18 -2.01 -0.03
C ALA A 222 11.47 -3.38 0.08
N ILE A 223 10.29 -3.31 0.70
CA ILE A 223 9.41 -4.45 0.88
C ILE A 223 8.06 -3.99 0.33
N LEU A 224 7.51 -4.78 -0.58
CA LEU A 224 6.23 -4.47 -1.21
C LEU A 224 5.28 -5.66 -0.97
N GLN A 225 4.12 -5.36 -0.40
CA GLN A 225 3.09 -6.38 -0.06
C GLN A 225 1.79 -6.08 -0.85
N SER A 226 1.43 -7.02 -1.73
CA SER A 226 0.19 -6.93 -2.50
C SER A 226 0.08 -5.58 -3.18
N GLY A 227 1.16 -5.11 -3.76
CA GLY A 227 1.09 -3.80 -4.40
C GLY A 227 2.32 -3.67 -5.22
N SER A 228 2.14 -3.09 -6.39
CA SER A 228 3.24 -2.98 -7.34
C SER A 228 3.01 -1.62 -8.04
N PRO A 229 4.07 -0.92 -8.45
CA PRO A 229 3.85 0.39 -9.09
C PRO A 229 3.12 0.40 -10.43
N ASN A 230 3.20 -0.70 -11.15
CA ASN A 230 2.58 -0.87 -12.47
C ASN A 230 1.18 -1.46 -12.36
N CYS A 231 0.61 -1.49 -11.15
CA CYS A 231 -0.72 -2.04 -11.04
C CYS A 231 -1.67 -1.17 -11.86
N PRO A 232 -2.56 -1.80 -12.62
CA PRO A 232 -3.49 -1.01 -13.44
C PRO A 232 -4.32 0.07 -12.70
N TRP A 233 -4.41 0.03 -11.36
CA TRP A 233 -5.23 1.03 -10.61
C TRP A 233 -4.36 2.12 -9.99
N ALA A 234 -3.04 1.92 -10.04
CA ALA A 234 -2.05 2.79 -9.38
C ALA A 234 -1.62 4.10 -10.01
N SER A 235 -1.97 4.33 -11.27
CA SER A 235 -1.60 5.56 -11.94
C SER A 235 -2.50 5.82 -13.13
N VAL A 236 -2.47 7.05 -13.61
CA VAL A 236 -3.25 7.46 -14.79
C VAL A 236 -2.38 8.43 -15.62
N SER A 237 -2.70 8.56 -16.89
CA SER A 237 -1.95 9.50 -17.75
C SER A 237 -2.36 10.93 -17.31
N VAL A 238 -1.58 11.93 -17.75
CA VAL A 238 -1.90 13.31 -17.40
C VAL A 238 -3.23 13.66 -18.00
N ALA A 239 -3.51 13.15 -19.19
CA ALA A 239 -4.82 13.50 -19.81
C ALA A 239 -5.99 12.97 -18.98
N GLU A 240 -5.89 11.70 -18.55
CA GLU A 240 -7.00 11.14 -17.76
C GLU A 240 -7.16 11.86 -16.40
N GLY A 241 -6.03 12.29 -15.81
CA GLY A 241 -6.06 13.03 -14.55
C GLY A 241 -6.73 14.39 -14.73
N ARG A 242 -6.39 15.05 -15.84
CA ARG A 242 -7.00 16.35 -16.15
C ARG A 242 -8.50 16.13 -16.32
N ARG A 243 -8.84 15.09 -17.07
CA ARG A 243 -10.24 14.83 -17.28
C ARG A 243 -11.05 14.66 -15.98
N ARG A 244 -10.50 13.90 -15.02
CA ARG A 244 -11.21 13.66 -13.75
C ARG A 244 -11.21 14.89 -12.90
N ALA A 245 -10.14 15.70 -12.96
CA ALA A 245 -10.15 16.94 -12.17
C ALA A 245 -11.29 17.85 -12.65
N VAL A 246 -11.41 17.99 -13.99
CA VAL A 246 -12.45 18.80 -14.59
C VAL A 246 -13.84 18.24 -14.17
N GLU A 247 -14.01 16.94 -14.33
CA GLU A 247 -15.27 16.28 -13.95
C GLU A 247 -15.57 16.49 -12.45
N LEU A 248 -14.53 16.43 -11.62
CA LEU A 248 -14.76 16.66 -10.18
C LEU A 248 -15.31 18.09 -10.09
N GLY A 249 -14.65 19.02 -10.80
CA GLY A 249 -15.10 20.40 -10.83
C GLY A 249 -16.53 20.55 -11.29
N ARG A 250 -16.91 19.84 -12.35
CA ARG A 250 -18.27 19.92 -12.82
C ARG A 250 -19.30 19.46 -11.76
N ASN A 251 -18.92 18.48 -10.93
CA ASN A 251 -19.79 17.94 -9.88
C ASN A 251 -20.02 18.95 -8.74
N LEU A 252 -19.09 19.91 -8.59
CA LEU A 252 -19.24 20.93 -7.54
C LEU A 252 -19.58 22.35 -8.10
N ASN A 253 -20.17 22.38 -9.29
CA ASN A 253 -20.59 23.62 -9.96
C ASN A 253 -19.48 24.62 -10.20
N CYS A 254 -18.26 24.15 -10.36
CA CYS A 254 -17.16 25.06 -10.58
C CYS A 254 -17.11 25.74 -11.95
N ASN A 255 -16.48 26.90 -11.94
CA ASN A 255 -16.24 27.66 -13.14
C ASN A 255 -15.19 26.80 -13.81
N LEU A 256 -15.43 26.30 -15.01
CA LEU A 256 -14.45 25.44 -15.66
C LEU A 256 -13.59 25.99 -16.77
N ASN A 257 -13.51 27.29 -16.98
CA ASN A 257 -12.67 27.65 -18.13
C ASN A 257 -11.21 27.98 -17.99
N SER A 258 -10.64 27.73 -16.81
CA SER A 258 -9.20 27.88 -16.62
C SER A 258 -8.81 27.02 -15.41
N ASP A 259 -7.61 26.48 -15.45
CA ASP A 259 -7.11 25.69 -14.35
C ASP A 259 -7.22 26.57 -13.11
N GLU A 260 -6.89 27.86 -13.25
CA GLU A 260 -6.95 28.78 -12.12
C GLU A 260 -8.35 28.89 -11.51
N GLU A 261 -9.37 29.03 -12.35
CA GLU A 261 -10.73 29.15 -11.83
C GLU A 261 -11.12 27.84 -11.18
N LEU A 262 -10.81 26.71 -11.85
CA LEU A 262 -11.14 25.38 -11.33
C LEU A 262 -10.48 25.18 -9.98
N ILE A 263 -9.17 25.38 -9.93
CA ILE A 263 -8.48 25.17 -8.67
C ILE A 263 -9.06 26.07 -7.62
N HIS A 264 -9.17 27.36 -7.93
CA HIS A 264 -9.71 28.32 -6.97
C HIS A 264 -11.00 27.83 -6.35
N CYS A 265 -11.89 27.36 -7.23
CA CYS A 265 -13.20 26.85 -6.82
C CYS A 265 -13.10 25.65 -5.86
N LEU A 266 -12.27 24.68 -6.26
CA LEU A 266 -12.06 23.47 -5.47
C LEU A 266 -11.46 23.79 -4.10
N ARG A 267 -10.69 24.89 -4.03
CA ARG A 267 -10.09 25.23 -2.79
C ARG A 267 -11.06 25.88 -1.83
N GLU A 268 -12.20 26.37 -2.31
CA GLU A 268 -13.14 27.04 -1.37
C GLU A 268 -14.07 26.02 -0.79
N LYS A 269 -14.12 24.83 -1.40
CA LYS A 269 -14.99 23.77 -0.94
C LYS A 269 -14.48 23.07 0.31
N LYS A 270 -15.41 22.72 1.19
CA LYS A 270 -15.07 22.02 2.44
C LYS A 270 -14.57 20.60 2.07
N PRO A 271 -13.70 19.98 2.91
CA PRO A 271 -13.22 18.64 2.60
C PRO A 271 -14.38 17.68 2.23
N GLN A 272 -15.37 17.55 3.10
CA GLN A 272 -16.47 16.63 2.79
C GLN A 272 -17.19 16.82 1.43
N GLU A 273 -17.15 18.01 0.85
CA GLU A 273 -17.81 18.22 -0.45
C GLU A 273 -17.02 17.51 -1.56
N LEU A 274 -15.69 17.53 -1.45
CA LEU A 274 -14.87 16.82 -2.40
C LEU A 274 -15.08 15.28 -2.20
N ILE A 275 -14.97 14.81 -0.97
CA ILE A 275 -15.16 13.41 -0.68
C ILE A 275 -16.55 12.91 -1.13
N ASP A 276 -17.59 13.74 -1.00
CA ASP A 276 -18.90 13.27 -1.40
C ASP A 276 -19.14 12.92 -2.88
N VAL A 277 -18.42 13.57 -3.78
CA VAL A 277 -18.62 13.29 -5.23
C VAL A 277 -17.38 12.65 -5.89
N GLU A 278 -16.37 12.35 -5.09
CA GLU A 278 -15.11 11.79 -5.62
C GLU A 278 -15.28 10.53 -6.46
N TRP A 279 -16.27 9.70 -6.17
CA TRP A 279 -16.45 8.50 -6.97
C TRP A 279 -17.20 8.78 -8.26
N ASN A 280 -17.79 9.96 -8.41
CA ASN A 280 -18.53 10.20 -9.66
C ASN A 280 -17.66 10.48 -10.88
N VAL A 281 -16.33 10.40 -10.77
CA VAL A 281 -15.50 10.77 -11.93
C VAL A 281 -14.82 9.64 -12.66
N LEU A 282 -15.01 8.43 -12.16
CA LEU A 282 -14.42 7.25 -12.78
C LEU A 282 -14.94 7.18 -14.19
N PRO A 283 -14.08 6.74 -15.14
CA PRO A 283 -14.56 6.68 -16.52
C PRO A 283 -15.44 5.46 -16.84
N PHE A 284 -15.24 4.36 -16.12
CA PHE A 284 -16.02 3.14 -16.38
C PHE A 284 -16.76 2.62 -15.17
N ASP A 285 -17.70 1.71 -15.41
CA ASP A 285 -18.41 1.06 -14.34
C ASP A 285 -17.35 -0.04 -14.02
N SER A 286 -16.64 0.17 -12.96
CA SER A 286 -15.55 -0.71 -12.65
C SER A 286 -15.46 -1.15 -11.20
N ILE A 287 -14.48 -1.98 -10.95
CA ILE A 287 -14.22 -2.50 -9.63
C ILE A 287 -12.70 -2.39 -9.52
N PHE A 288 -12.22 -2.05 -8.35
CA PHE A 288 -10.77 -1.92 -8.19
C PHE A 288 -10.20 -0.73 -9.02
N ARG A 289 -10.92 0.40 -9.03
CA ARG A 289 -10.38 1.58 -9.70
C ARG A 289 -10.71 2.72 -8.77
N PHE A 290 -9.72 3.61 -8.63
CA PHE A 290 -9.86 4.71 -7.72
C PHE A 290 -9.64 6.01 -8.49
N SER A 291 -10.39 7.02 -8.11
CA SER A 291 -10.39 8.32 -8.78
C SER A 291 -9.09 9.14 -8.90
N PHE A 292 -8.49 9.38 -7.75
CA PHE A 292 -7.31 10.20 -7.66
C PHE A 292 -6.11 9.41 -7.23
N VAL A 293 -5.27 9.15 -8.23
CA VAL A 293 -4.08 8.35 -8.04
C VAL A 293 -2.86 9.00 -8.71
N PRO A 294 -1.65 8.45 -8.50
CA PRO A 294 -0.47 9.05 -9.13
C PRO A 294 -0.68 9.22 -10.65
N VAL A 295 -0.08 10.27 -11.22
CA VAL A 295 -0.05 10.53 -12.68
C VAL A 295 1.36 10.37 -13.24
N ILE A 296 1.42 9.84 -14.45
CA ILE A 296 2.69 9.64 -15.15
C ILE A 296 2.97 11.05 -15.73
N ASP A 297 3.73 11.83 -14.99
CA ASP A 297 3.88 13.23 -15.37
C ASP A 297 5.19 13.68 -16.05
N GLY A 298 6.17 12.81 -16.19
CA GLY A 298 7.41 13.29 -16.76
C GLY A 298 8.35 13.90 -15.69
N GLU A 299 7.91 13.96 -14.43
CA GLU A 299 8.74 14.53 -13.37
C GLU A 299 9.02 13.51 -12.30
N PHE A 300 8.00 13.23 -11.49
CA PHE A 300 8.12 12.24 -10.46
C PHE A 300 8.49 10.94 -11.18
N PHE A 301 7.82 10.68 -12.31
CA PHE A 301 8.16 9.54 -13.14
C PHE A 301 8.63 10.20 -14.47
N PRO A 302 9.92 10.06 -14.81
CA PRO A 302 10.47 10.65 -16.04
C PRO A 302 9.81 10.15 -17.36
N THR A 303 9.52 8.85 -17.44
CA THR A 303 8.85 8.31 -18.63
C THR A 303 7.82 7.25 -18.18
N SER A 304 7.21 6.55 -19.13
CA SER A 304 6.23 5.51 -18.76
C SER A 304 6.88 4.50 -17.81
N LEU A 305 6.07 3.91 -16.94
CA LEU A 305 6.62 2.94 -15.99
C LEU A 305 7.25 1.74 -16.72
N GLU A 306 6.56 1.21 -17.72
CA GLU A 306 7.08 0.07 -18.49
C GLU A 306 8.43 0.38 -19.13
N SER A 307 8.62 1.56 -19.73
CA SER A 307 9.96 1.81 -20.32
C SER A 307 10.99 1.99 -19.18
N MET A 308 10.60 2.62 -18.08
CA MET A 308 11.55 2.72 -16.97
C MET A 308 11.91 1.27 -16.55
N LEU A 309 10.92 0.39 -16.45
CA LEU A 309 11.26 -0.95 -16.04
C LEU A 309 12.20 -1.70 -17.06
N ASN A 310 11.92 -1.54 -18.35
CA ASN A 310 12.72 -2.20 -19.35
C ASN A 310 14.13 -1.72 -19.41
N SER A 311 14.34 -0.43 -19.23
CA SER A 311 15.67 0.09 -19.34
C SER A 311 16.49 0.06 -18.07
N GLY A 312 15.92 -0.48 -16.99
CA GLY A 312 16.69 -0.49 -15.74
C GLY A 312 16.76 0.92 -15.10
N ASN A 313 15.87 1.82 -15.50
CA ASN A 313 15.89 3.15 -14.92
C ASN A 313 15.20 3.12 -13.55
N PHE A 314 15.89 2.60 -12.55
CA PHE A 314 15.34 2.52 -11.21
C PHE A 314 16.43 2.22 -10.21
N LYS A 315 16.12 2.38 -8.93
CA LYS A 315 17.10 2.13 -7.87
C LYS A 315 17.40 0.62 -7.87
N LYS A 316 18.68 0.28 -7.88
CA LYS A 316 19.15 -1.10 -7.86
C LYS A 316 19.48 -1.49 -6.41
N THR A 317 18.70 -2.36 -5.78
CA THR A 317 19.01 -2.73 -4.40
C THR A 317 18.33 -4.09 -4.12
N GLN A 318 18.13 -4.48 -2.88
CA GLN A 318 17.41 -5.75 -2.66
C GLN A 318 15.94 -5.39 -2.39
N ILE A 319 15.04 -6.32 -2.67
CA ILE A 319 13.63 -6.11 -2.39
C ILE A 319 13.06 -7.42 -1.94
N LEU A 320 12.08 -7.32 -1.06
CA LEU A 320 11.38 -8.49 -0.58
C LEU A 320 9.90 -8.08 -0.83
N LEU A 321 9.15 -8.97 -1.49
CA LEU A 321 7.75 -8.68 -1.82
C LEU A 321 6.90 -9.96 -2.03
N GLY A 322 5.57 -9.83 -2.01
CA GLY A 322 4.74 -11.00 -2.20
C GLY A 322 3.28 -10.60 -2.23
N VAL A 323 2.39 -11.61 -2.34
CA VAL A 323 0.95 -11.42 -2.37
C VAL A 323 0.25 -12.41 -1.40
N ASN A 324 -1.05 -12.23 -1.19
CA ASN A 324 -1.85 -13.16 -0.39
C ASN A 324 -2.63 -13.99 -1.40
N LYS A 325 -3.07 -15.17 -0.99
CA LYS A 325 -3.79 -16.04 -1.91
C LYS A 325 -5.05 -15.43 -2.49
N ASP A 326 -5.82 -14.70 -1.68
CA ASP A 326 -7.10 -14.16 -2.17
C ASP A 326 -7.17 -12.64 -2.31
N GLU A 327 -6.52 -12.13 -3.36
CA GLU A 327 -6.49 -10.70 -3.63
C GLU A 327 -7.74 -10.16 -4.35
N GLY A 328 -8.74 -10.98 -4.67
CA GLY A 328 -9.92 -10.44 -5.33
C GLY A 328 -11.16 -10.21 -4.42
N SER A 329 -11.25 -11.02 -3.36
CA SER A 329 -12.36 -11.02 -2.42
C SER A 329 -12.96 -9.70 -1.96
N PHE A 330 -12.11 -8.84 -1.39
CA PHE A 330 -12.57 -7.61 -0.83
C PHE A 330 -13.31 -6.72 -1.83
N PHE A 331 -12.71 -6.47 -2.99
CA PHE A 331 -13.38 -5.61 -3.95
C PHE A 331 -14.57 -6.25 -4.61
N LEU A 332 -14.60 -7.57 -4.71
CA LEU A 332 -15.80 -8.18 -5.30
C LEU A 332 -16.97 -8.02 -4.30
N LEU A 333 -16.69 -8.21 -3.00
CA LEU A 333 -17.71 -8.09 -1.96
C LEU A 333 -18.34 -6.71 -2.03
N TYR A 334 -17.48 -5.68 -2.04
CA TYR A 334 -17.99 -4.33 -2.10
C TYR A 334 -18.64 -3.95 -3.42
N GLY A 335 -18.20 -4.51 -4.54
CA GLY A 335 -18.81 -4.00 -5.75
C GLY A 335 -19.39 -4.87 -6.83
N ALA A 336 -19.31 -6.17 -6.71
CA ALA A 336 -19.84 -6.99 -7.77
C ALA A 336 -21.18 -7.60 -7.40
N PRO A 337 -22.09 -7.72 -8.36
CA PRO A 337 -23.39 -8.32 -8.00
C PRO A 337 -23.26 -9.83 -7.64
N GLY A 338 -24.09 -10.30 -6.70
CA GLY A 338 -24.06 -11.69 -6.27
C GLY A 338 -23.26 -11.96 -4.98
N PHE A 339 -22.42 -11.00 -4.56
CA PHE A 339 -21.62 -11.19 -3.35
C PHE A 339 -22.24 -10.44 -2.18
N SER A 340 -22.20 -11.07 -1.00
CA SER A 340 -22.72 -10.44 0.23
C SER A 340 -21.84 -10.98 1.32
N LYS A 341 -21.75 -10.22 2.40
CA LYS A 341 -20.92 -10.62 3.50
C LYS A 341 -21.44 -11.83 4.29
N ASP A 342 -22.76 -12.00 4.38
CA ASP A 342 -23.31 -13.06 5.20
C ASP A 342 -23.89 -14.31 4.48
N SER A 343 -23.47 -14.55 3.24
CA SER A 343 -23.90 -15.71 2.48
C SER A 343 -22.61 -16.29 1.91
N GLU A 344 -22.65 -17.49 1.37
CA GLU A 344 -21.47 -18.15 0.78
C GLU A 344 -21.10 -17.52 -0.60
N SER A 345 -22.00 -16.65 -1.06
CA SER A 345 -21.85 -15.95 -2.31
C SER A 345 -21.58 -16.84 -3.53
N LYS A 346 -22.41 -17.85 -3.72
CA LYS A 346 -22.24 -18.71 -4.86
C LYS A 346 -22.65 -17.85 -6.06
N ILE A 347 -21.86 -17.90 -7.13
CA ILE A 347 -22.13 -16.97 -8.23
C ILE A 347 -22.70 -17.62 -9.51
N SER A 348 -23.80 -17.06 -9.96
CA SER A 348 -24.44 -17.58 -11.17
C SER A 348 -23.56 -17.29 -12.40
N ARG A 349 -23.81 -18.03 -13.47
CA ARG A 349 -23.08 -17.83 -14.69
C ARG A 349 -23.30 -16.35 -15.12
N GLU A 350 -24.52 -15.88 -14.93
CA GLU A 350 -24.91 -14.52 -15.30
C GLU A 350 -24.12 -13.48 -14.49
N ASP A 351 -24.00 -13.68 -13.17
CA ASP A 351 -23.20 -12.74 -12.37
C ASP A 351 -21.70 -12.90 -12.62
N PHE A 352 -21.30 -14.09 -13.03
CA PHE A 352 -19.92 -14.33 -13.34
C PHE A 352 -19.51 -13.36 -14.45
N MET A 353 -20.34 -13.27 -15.48
CA MET A 353 -19.99 -12.40 -16.59
C MET A 353 -20.13 -10.93 -16.31
N SER A 354 -21.07 -10.55 -15.45
CA SER A 354 -21.21 -9.15 -15.06
C SER A 354 -19.92 -8.78 -14.29
N GLY A 355 -19.41 -9.75 -13.55
CA GLY A 355 -18.23 -9.54 -12.76
C GLY A 355 -17.00 -9.35 -13.60
N VAL A 356 -16.87 -10.15 -14.67
CA VAL A 356 -15.66 -10.02 -15.45
C VAL A 356 -15.70 -8.68 -16.16
N LYS A 357 -16.89 -8.28 -16.57
CA LYS A 357 -17.13 -6.99 -17.21
C LYS A 357 -16.65 -5.85 -16.25
N LEU A 358 -17.07 -5.90 -14.98
CA LEU A 358 -16.65 -4.93 -13.94
C LEU A 358 -15.11 -4.97 -13.66
N SER A 359 -14.51 -6.17 -13.76
CA SER A 359 -13.10 -6.36 -13.48
C SER A 359 -12.14 -5.96 -14.57
N VAL A 360 -12.57 -5.96 -15.80
CA VAL A 360 -11.64 -5.57 -16.85
C VAL A 360 -12.33 -4.51 -17.66
N PRO A 361 -12.54 -3.32 -17.06
CA PRO A 361 -13.21 -2.13 -17.64
C PRO A 361 -12.76 -1.71 -19.03
N HIS A 362 -11.46 -1.74 -19.23
CA HIS A 362 -10.85 -1.31 -20.49
C HIS A 362 -10.88 -2.37 -21.61
N ALA A 363 -11.62 -3.46 -21.39
CA ALA A 363 -11.68 -4.55 -22.36
C ALA A 363 -12.83 -4.45 -23.34
N ASN A 364 -12.58 -4.82 -24.59
CA ASN A 364 -13.62 -4.88 -25.62
C ASN A 364 -14.23 -6.29 -25.49
N ASP A 365 -15.22 -6.62 -26.30
CA ASP A 365 -15.84 -7.94 -26.18
C ASP A 365 -14.99 -9.17 -26.45
N LEU A 366 -14.08 -9.10 -27.40
CA LEU A 366 -13.23 -10.21 -27.66
C LEU A 366 -12.40 -10.39 -26.37
N GLY A 367 -11.96 -9.28 -25.79
CA GLY A 367 -11.18 -9.33 -24.55
C GLY A 367 -11.97 -9.96 -23.41
N LEU A 368 -13.22 -9.53 -23.20
CA LEU A 368 -14.02 -10.09 -22.12
C LEU A 368 -14.20 -11.59 -22.36
N ASP A 369 -14.30 -11.97 -23.64
CA ASP A 369 -14.43 -13.39 -23.98
C ASP A 369 -13.18 -14.17 -23.64
N ALA A 370 -12.02 -13.55 -23.82
CA ALA A 370 -10.76 -14.25 -23.56
C ALA A 370 -10.62 -14.51 -22.07
N VAL A 371 -10.99 -13.53 -21.23
CA VAL A 371 -10.87 -13.68 -19.77
C VAL A 371 -11.82 -14.79 -19.33
N THR A 372 -13.06 -14.72 -19.82
CA THR A 372 -14.09 -15.69 -19.46
C THR A 372 -13.67 -17.13 -19.87
N LEU A 373 -13.13 -17.28 -21.08
CA LEU A 373 -12.70 -18.60 -21.49
C LEU A 373 -11.60 -19.07 -20.55
N GLN A 374 -10.63 -18.17 -20.31
CA GLN A 374 -9.50 -18.47 -19.47
C GLN A 374 -9.84 -18.91 -18.04
N TYR A 375 -10.97 -18.46 -17.50
CA TYR A 375 -11.28 -18.84 -16.12
C TYR A 375 -12.52 -19.72 -15.96
N THR A 376 -13.07 -20.20 -17.05
CA THR A 376 -14.25 -21.01 -16.90
C THR A 376 -13.92 -22.46 -17.12
N ASP A 377 -14.42 -23.31 -16.23
CA ASP A 377 -14.25 -24.78 -16.34
C ASP A 377 -15.53 -25.17 -17.11
N TRP A 378 -15.39 -25.48 -18.41
CA TRP A 378 -16.57 -25.81 -19.24
C TRP A 378 -17.23 -27.14 -19.03
N MET A 379 -16.77 -27.87 -18.03
CA MET A 379 -17.39 -29.13 -17.72
C MET A 379 -18.32 -28.86 -16.56
N ASP A 380 -18.23 -27.67 -15.98
CA ASP A 380 -19.02 -27.42 -14.76
C ASP A 380 -19.24 -25.90 -14.68
N ASP A 381 -19.68 -25.33 -15.79
CA ASP A 381 -19.83 -23.86 -15.88
C ASP A 381 -20.84 -23.18 -14.97
N ASN A 382 -21.71 -23.97 -14.35
CA ASN A 382 -22.72 -23.44 -13.44
C ASN A 382 -22.44 -23.71 -11.98
N ASN A 383 -21.23 -24.16 -11.69
CA ASN A 383 -20.86 -24.40 -10.31
C ASN A 383 -20.65 -23.01 -9.64
N GLY A 384 -21.57 -22.66 -8.72
CA GLY A 384 -21.52 -21.40 -7.99
C GLY A 384 -20.22 -21.11 -7.21
N ILE A 385 -19.61 -22.12 -6.62
CA ILE A 385 -18.36 -21.96 -5.88
C ILE A 385 -17.21 -21.69 -6.87
N LYS A 386 -17.21 -22.40 -7.98
CA LYS A 386 -16.18 -22.24 -9.00
C LYS A 386 -16.26 -20.86 -9.66
N ASN A 387 -17.49 -20.40 -9.89
CA ASN A 387 -17.68 -19.12 -10.47
C ASN A 387 -17.20 -18.04 -9.48
N ARG A 388 -17.54 -18.19 -8.20
CA ARG A 388 -17.14 -17.22 -7.20
C ARG A 388 -15.59 -17.19 -7.10
N ASP A 389 -15.00 -18.36 -6.86
CA ASP A 389 -13.55 -18.48 -6.77
C ASP A 389 -12.84 -18.01 -8.06
N GLY A 390 -13.51 -18.20 -9.20
CA GLY A 390 -12.94 -17.80 -10.48
C GLY A 390 -12.83 -16.30 -10.56
N LEU A 391 -13.84 -15.62 -10.05
CA LEU A 391 -13.88 -14.17 -10.04
C LEU A 391 -12.79 -13.63 -9.11
N ASP A 392 -12.65 -14.24 -7.95
CA ASP A 392 -11.62 -13.85 -6.99
C ASP A 392 -10.23 -13.93 -7.68
N ASP A 393 -9.98 -15.01 -8.40
CA ASP A 393 -8.71 -15.14 -9.10
C ASP A 393 -8.53 -14.08 -10.21
N ILE A 394 -9.61 -13.80 -10.96
CA ILE A 394 -9.55 -12.83 -12.02
C ILE A 394 -9.20 -11.47 -11.43
N VAL A 395 -9.92 -11.07 -10.39
CA VAL A 395 -9.66 -9.77 -9.83
C VAL A 395 -8.27 -9.64 -9.26
N GLY A 396 -7.89 -10.66 -8.48
CA GLY A 396 -6.56 -10.68 -7.86
C GLY A 396 -5.39 -10.78 -8.85
N ASP A 397 -5.53 -11.64 -9.86
CA ASP A 397 -4.49 -11.83 -10.87
C ASP A 397 -4.30 -10.53 -11.65
N HIS A 398 -5.40 -10.03 -12.20
CA HIS A 398 -5.36 -8.83 -13.02
C HIS A 398 -4.86 -7.55 -12.28
N ASN A 399 -5.37 -7.34 -11.08
CA ASN A 399 -5.04 -6.18 -10.28
C ASN A 399 -3.80 -6.23 -9.39
N VAL A 400 -3.37 -7.40 -8.94
CA VAL A 400 -2.26 -7.41 -7.98
C VAL A 400 -1.15 -8.40 -8.29
N ILE A 401 -1.53 -9.68 -8.39
CA ILE A 401 -0.56 -10.76 -8.61
C ILE A 401 0.23 -10.66 -9.92
N CYS A 402 -0.45 -10.63 -11.06
CA CYS A 402 0.26 -10.56 -12.33
C CYS A 402 1.04 -9.24 -12.52
N PRO A 403 0.49 -8.08 -12.06
CA PRO A 403 1.29 -6.84 -12.23
C PRO A 403 2.57 -7.01 -11.33
N LEU A 404 2.41 -7.55 -10.13
CA LEU A 404 3.59 -7.71 -9.29
C LEU A 404 4.60 -8.73 -9.90
N MET A 405 4.09 -9.85 -10.45
CA MET A 405 4.97 -10.82 -11.06
C MET A 405 5.69 -10.14 -12.23
N HIS A 406 5.00 -9.27 -12.96
CA HIS A 406 5.65 -8.56 -14.08
C HIS A 406 6.75 -7.65 -13.49
N PHE A 407 6.42 -6.93 -12.44
CA PHE A 407 7.42 -6.05 -11.83
C PHE A 407 8.62 -6.85 -11.27
N VAL A 408 8.39 -7.96 -10.55
CA VAL A 408 9.55 -8.66 -9.99
C VAL A 408 10.45 -9.25 -11.06
N ASN A 409 9.86 -9.75 -12.14
CA ASN A 409 10.66 -10.32 -13.20
C ASN A 409 11.46 -9.21 -13.85
N LYS A 410 10.87 -8.03 -14.02
CA LYS A 410 11.60 -6.94 -14.64
C LYS A 410 12.70 -6.37 -13.72
N TYR A 411 12.38 -6.22 -12.44
CA TYR A 411 13.31 -5.68 -11.49
C TYR A 411 14.52 -6.58 -11.32
N THR A 412 14.26 -7.87 -11.20
CA THR A 412 15.32 -8.86 -10.97
C THR A 412 16.41 -8.86 -12.03
N LYS A 413 16.07 -8.49 -13.25
CA LYS A 413 17.07 -8.42 -14.29
C LYS A 413 18.17 -7.39 -13.96
N PHE A 414 17.91 -6.38 -13.11
CA PHE A 414 18.91 -5.37 -12.78
C PHE A 414 19.19 -5.18 -11.27
N GLY A 415 18.35 -5.79 -10.45
CA GLY A 415 18.46 -5.61 -9.00
C GLY A 415 19.60 -6.34 -8.33
N ASN A 416 19.70 -6.19 -7.02
CA ASN A 416 20.78 -6.83 -6.31
C ASN A 416 20.30 -7.93 -5.38
N GLY A 417 19.07 -8.41 -5.60
CA GLY A 417 18.53 -9.47 -4.78
C GLY A 417 17.04 -9.30 -4.55
N THR A 418 16.30 -10.37 -4.81
CA THR A 418 14.87 -10.38 -4.72
C THR A 418 14.46 -11.57 -3.89
N TYR A 419 13.47 -11.39 -3.01
CA TYR A 419 12.89 -12.47 -2.22
C TYR A 419 11.36 -12.36 -2.39
N LEU A 420 10.74 -13.46 -2.83
CA LEU A 420 9.32 -13.52 -3.11
C LEU A 420 8.51 -14.47 -2.20
N TYR A 421 7.35 -14.03 -1.78
CA TYR A 421 6.52 -14.86 -0.90
C TYR A 421 5.09 -14.95 -1.36
N PHE A 422 4.40 -15.98 -0.89
CA PHE A 422 3.03 -16.18 -1.25
C PHE A 422 2.43 -16.58 0.07
N PHE A 423 1.72 -15.63 0.68
CA PHE A 423 1.13 -15.80 1.98
C PHE A 423 -0.28 -16.38 1.89
N ASN A 424 -0.44 -17.58 2.45
CA ASN A 424 -1.71 -18.25 2.39
C ASN A 424 -2.17 -18.89 3.69
N HIS A 425 -1.79 -18.31 4.82
CA HIS A 425 -2.26 -18.85 6.06
C HIS A 425 -3.73 -18.55 6.22
N ARG A 426 -4.42 -19.62 6.56
CA ARG A 426 -5.87 -19.66 6.79
C ARG A 426 -6.12 -19.21 8.27
N ALA A 427 -6.59 -17.99 8.47
CA ALA A 427 -6.84 -17.50 9.84
C ALA A 427 -7.68 -18.49 10.65
N SER A 428 -7.33 -18.63 11.93
CA SER A 428 -8.06 -19.52 12.84
C SER A 428 -9.21 -18.68 13.36
N ASN A 429 -8.98 -17.37 13.43
CA ASN A 429 -9.99 -16.42 13.90
C ASN A 429 -10.60 -15.66 12.70
N LEU A 430 -11.48 -16.34 11.96
CA LEU A 430 -12.11 -15.68 10.80
C LEU A 430 -12.98 -14.54 11.30
N VAL A 431 -12.85 -13.35 10.72
CA VAL A 431 -13.74 -12.25 11.10
C VAL A 431 -14.60 -11.97 9.84
N TRP A 432 -13.97 -12.07 8.66
CA TRP A 432 -14.67 -11.89 7.38
C TRP A 432 -15.21 -13.29 6.99
N PRO A 433 -16.25 -13.35 6.15
CA PRO A 433 -16.71 -14.73 5.84
C PRO A 433 -15.58 -15.59 5.30
N GLU A 434 -15.79 -16.90 5.39
CA GLU A 434 -14.82 -17.87 4.94
C GLU A 434 -14.58 -17.87 3.43
N TRP A 435 -15.62 -17.59 2.65
CA TRP A 435 -15.42 -17.60 1.21
C TRP A 435 -14.37 -16.56 0.72
N MET A 436 -14.11 -15.52 1.51
CA MET A 436 -13.15 -14.50 1.12
C MET A 436 -11.70 -15.01 1.26
N GLY A 437 -11.52 -16.14 1.95
CA GLY A 437 -10.17 -16.70 2.06
C GLY A 437 -9.12 -15.84 2.74
N VAL A 438 -7.87 -15.92 2.27
CA VAL A 438 -6.76 -15.17 2.82
C VAL A 438 -6.78 -13.75 2.14
N ILE A 439 -7.64 -12.91 2.70
CA ILE A 439 -7.91 -11.55 2.24
C ILE A 439 -6.75 -10.60 2.35
N HIS A 440 -6.88 -9.56 1.55
CA HIS A 440 -5.92 -8.46 1.61
C HIS A 440 -5.62 -8.07 3.04
N GLY A 441 -4.38 -7.75 3.30
CA GLY A 441 -4.07 -7.25 4.64
C GLY A 441 -4.01 -8.17 5.81
N TYR A 442 -4.44 -9.41 5.69
CA TYR A 442 -4.38 -10.31 6.85
C TYR A 442 -2.92 -10.53 7.26
N GLU A 443 -1.98 -10.54 6.32
CA GLU A 443 -0.55 -10.71 6.64
C GLU A 443 0.00 -9.47 7.45
N ILE A 444 -0.60 -8.30 7.31
CA ILE A 444 -0.12 -7.13 8.04
C ILE A 444 -0.15 -7.49 9.57
N GLU A 445 -1.19 -8.19 10.00
CA GLU A 445 -1.36 -8.63 11.40
C GLU A 445 -0.09 -9.39 11.87
N PHE A 446 0.48 -10.24 10.99
CA PHE A 446 1.65 -10.96 11.38
C PHE A 446 2.88 -10.08 11.25
N VAL A 447 2.93 -9.23 10.23
CA VAL A 447 4.11 -8.37 10.09
C VAL A 447 4.23 -7.45 11.32
N PHE A 448 3.10 -6.98 11.83
CA PHE A 448 3.16 -6.12 12.97
C PHE A 448 3.10 -6.86 14.33
N GLY A 449 3.11 -8.19 14.27
CA GLY A 449 3.15 -8.99 15.47
C GLY A 449 1.98 -9.01 16.41
N LEU A 450 0.76 -8.78 15.93
CA LEU A 450 -0.42 -8.84 16.79
C LEU A 450 -0.61 -10.21 17.44
N PRO A 451 -0.18 -11.31 16.78
CA PRO A 451 -0.37 -12.61 17.42
C PRO A 451 0.41 -12.81 18.71
N LEU A 452 1.40 -11.96 19.00
CA LEU A 452 2.14 -12.12 20.26
C LEU A 452 1.34 -11.62 21.43
N VAL A 453 0.23 -10.91 21.21
CA VAL A 453 -0.52 -10.44 22.37
C VAL A 453 -1.68 -11.42 22.64
N LYS A 454 -1.64 -12.02 23.83
CA LYS A 454 -2.63 -13.03 24.23
C LYS A 454 -4.09 -12.65 24.13
N GLU A 455 -4.45 -11.48 24.63
CA GLU A 455 -5.82 -11.05 24.58
C GLU A 455 -6.40 -11.07 23.15
N LEU A 456 -5.56 -11.22 22.14
CA LEU A 456 -6.07 -11.22 20.77
C LEU A 456 -6.44 -12.63 20.27
N ASN A 457 -6.09 -13.67 21.00
CA ASN A 457 -6.58 -14.98 20.58
C ASN A 457 -6.06 -15.46 19.26
N TYR A 458 -4.79 -15.70 19.13
CA TYR A 458 -4.36 -16.23 17.86
C TYR A 458 -3.88 -17.56 18.38
N THR A 459 -3.66 -18.51 17.49
CA THR A 459 -3.17 -19.80 17.92
C THR A 459 -1.70 -19.66 18.19
N ALA A 460 -1.13 -20.67 18.84
CA ALA A 460 0.29 -20.67 19.12
C ALA A 460 1.06 -20.70 17.82
N GLU A 461 0.60 -21.50 16.86
CA GLU A 461 1.34 -21.58 15.59
C GLU A 461 1.27 -20.23 14.86
N GLU A 462 0.21 -19.45 15.10
CA GLU A 462 0.11 -18.12 14.48
C GLU A 462 1.13 -17.20 15.13
N GLU A 463 1.35 -17.35 16.45
CA GLU A 463 2.34 -16.52 17.15
C GLU A 463 3.69 -16.88 16.58
N ALA A 464 3.87 -18.15 16.32
CA ALA A 464 5.16 -18.60 15.80
C ALA A 464 5.37 -18.04 14.39
N LEU A 465 4.28 -18.00 13.61
CA LEU A 465 4.35 -17.51 12.24
C LEU A 465 4.69 -15.99 12.26
N SER A 466 4.02 -15.27 13.17
CA SER A 466 4.26 -13.86 13.34
C SER A 466 5.73 -13.56 13.68
N ARG A 467 6.29 -14.36 14.58
CA ARG A 467 7.68 -14.14 14.95
C ARG A 467 8.61 -14.43 13.76
N ARG A 468 8.32 -15.44 12.95
CA ARG A 468 9.20 -15.67 11.78
C ARG A 468 9.02 -14.56 10.73
N ILE A 469 7.79 -14.14 10.50
CA ILE A 469 7.64 -13.13 9.51
C ILE A 469 8.37 -11.86 9.98
N MET A 470 8.09 -11.42 11.22
CA MET A 470 8.75 -10.23 11.75
C MET A 470 10.27 -10.34 11.67
N HIS A 471 10.79 -11.54 11.92
CA HIS A 471 12.23 -11.68 11.89
C HIS A 471 12.73 -11.68 10.44
N TYR A 472 11.96 -12.25 9.50
CA TYR A 472 12.36 -12.20 8.07
C TYR A 472 12.41 -10.70 7.62
N TRP A 473 11.34 -9.95 7.91
CA TRP A 473 11.27 -8.55 7.51
C TRP A 473 12.39 -7.74 8.11
N ALA A 474 12.64 -7.95 9.39
CA ALA A 474 13.67 -7.19 10.09
C ALA A 474 15.05 -7.61 9.67
N THR A 475 15.28 -8.90 9.51
CA THR A 475 16.61 -9.31 9.13
C THR A 475 16.88 -8.84 7.70
N PHE A 476 15.86 -8.91 6.86
CA PHE A 476 16.05 -8.42 5.52
C PHE A 476 16.35 -6.90 5.52
N ALA A 477 15.65 -6.15 6.39
CA ALA A 477 15.84 -4.72 6.43
C ALA A 477 17.28 -4.43 6.83
N LYS A 478 17.80 -5.15 7.84
CA LYS A 478 19.17 -4.98 8.31
C LYS A 478 20.26 -5.37 7.34
N THR A 479 20.01 -6.44 6.56
CA THR A 479 21.04 -6.98 5.67
C THR A 479 20.81 -7.18 4.18
N GLY A 480 19.59 -7.09 3.70
CA GLY A 480 19.36 -7.33 2.29
C GLY A 480 19.04 -8.80 2.10
N ASN A 481 18.87 -9.54 3.22
CA ASN A 481 18.58 -10.99 3.16
C ASN A 481 17.71 -11.39 4.35
N PRO A 482 16.52 -11.97 4.10
CA PRO A 482 15.65 -12.36 5.23
C PRO A 482 16.19 -13.49 6.11
N ASN A 483 17.18 -14.20 5.61
CA ASN A 483 17.76 -15.32 6.35
C ASN A 483 18.88 -15.01 7.31
N GLU A 484 18.86 -15.71 8.43
CA GLU A 484 19.90 -15.63 9.45
C GLU A 484 21.11 -16.32 8.81
N PRO A 485 22.22 -15.59 8.65
CA PRO A 485 23.50 -16.02 8.06
C PRO A 485 23.65 -17.55 8.01
N HIS A 486 24.21 -18.09 9.09
CA HIS A 486 24.41 -19.53 9.22
C HIS A 486 23.40 -19.94 10.28
N SER A 487 22.17 -20.14 9.86
CA SER A 487 21.12 -20.56 10.79
C SER A 487 20.84 -22.01 10.45
N GLN A 488 19.88 -22.59 11.15
CA GLN A 488 19.52 -23.97 10.90
C GLN A 488 18.12 -24.08 10.29
N GLU A 489 17.41 -22.95 10.27
CA GLU A 489 16.06 -22.93 9.72
C GLU A 489 16.17 -23.07 8.21
N SER A 490 15.05 -23.43 7.62
CA SER A 490 14.95 -23.60 6.16
C SER A 490 15.31 -22.24 5.55
N LYS A 491 16.08 -22.28 4.46
CA LYS A 491 16.51 -21.08 3.78
C LYS A 491 15.52 -20.52 2.68
N TRP A 492 15.03 -19.28 2.85
CA TRP A 492 14.16 -18.65 1.88
C TRP A 492 15.06 -18.42 0.66
N PRO A 493 14.78 -19.08 -0.47
CA PRO A 493 15.73 -18.78 -1.56
C PRO A 493 15.59 -17.47 -2.31
N LEU A 494 16.72 -17.00 -2.81
CA LEU A 494 16.74 -15.80 -3.62
C LEU A 494 15.91 -16.13 -4.89
N PHE A 495 15.16 -15.15 -5.42
CA PHE A 495 14.38 -15.32 -6.63
C PHE A 495 15.31 -14.91 -7.77
N THR A 496 15.49 -15.79 -8.74
CA THR A 496 16.37 -15.43 -9.84
C THR A 496 15.59 -15.46 -11.13
N THR A 497 16.03 -14.66 -12.10
CA THR A 497 15.31 -14.59 -13.37
C THR A 497 15.25 -15.99 -14.02
N LYS A 498 16.19 -16.85 -13.68
CA LYS A 498 16.15 -18.18 -14.24
C LYS A 498 15.24 -19.16 -13.54
N GLU A 499 15.42 -19.35 -12.24
CA GLU A 499 14.63 -20.35 -11.51
C GLU A 499 13.33 -19.86 -10.84
N GLN A 500 13.20 -18.54 -10.71
CA GLN A 500 12.01 -17.91 -10.15
C GLN A 500 11.39 -18.53 -8.90
N LYS A 501 12.20 -18.81 -7.90
CA LYS A 501 11.69 -19.43 -6.71
C LYS A 501 11.03 -18.43 -5.78
N PHE A 502 10.09 -18.96 -4.99
CA PHE A 502 9.43 -18.18 -3.97
C PHE A 502 9.01 -19.20 -2.89
N ILE A 503 8.55 -18.72 -1.75
CA ILE A 503 8.11 -19.64 -0.72
C ILE A 503 6.65 -19.32 -0.32
N ASP A 504 6.01 -20.28 0.33
CA ASP A 504 4.68 -20.10 0.84
C ASP A 504 5.00 -19.51 2.22
N LEU A 505 4.09 -18.73 2.78
CA LEU A 505 4.32 -18.21 4.12
C LEU A 505 3.07 -18.68 4.88
N ASN A 506 3.20 -19.71 5.71
CA ASN A 506 2.04 -20.17 6.48
C ASN A 506 2.59 -20.92 7.66
N THR A 507 1.73 -21.55 8.45
CA THR A 507 2.16 -22.27 9.65
C THR A 507 2.82 -23.64 9.43
N GLU A 508 3.00 -24.06 8.19
CA GLU A 508 3.61 -25.36 7.89
C GLU A 508 5.05 -25.23 7.45
N PRO A 509 5.78 -26.36 7.38
CA PRO A 509 7.17 -26.33 6.98
C PRO A 509 7.37 -25.62 5.66
N MET A 510 8.29 -24.67 5.65
CA MET A 510 8.55 -23.93 4.43
C MET A 510 8.61 -24.84 3.21
N LYS A 511 7.93 -24.41 2.16
CA LYS A 511 7.88 -25.13 0.91
C LYS A 511 8.28 -24.09 -0.21
N VAL A 512 9.25 -24.46 -1.03
CA VAL A 512 9.73 -23.62 -2.11
C VAL A 512 9.04 -24.04 -3.40
N HIS A 513 8.53 -23.07 -4.16
CA HIS A 513 7.91 -23.32 -5.46
C HIS A 513 8.57 -22.42 -6.50
N GLN A 514 8.07 -22.56 -7.73
CA GLN A 514 8.59 -21.76 -8.85
C GLN A 514 7.48 -21.27 -9.72
N ARG A 515 7.79 -20.22 -10.49
CA ARG A 515 6.89 -19.57 -11.42
C ARG A 515 5.49 -19.27 -10.87
N LEU A 516 5.45 -18.43 -9.83
CA LEU A 516 4.20 -18.05 -9.21
C LEU A 516 3.12 -17.62 -10.24
N ARG A 517 2.08 -18.42 -10.30
CA ARG A 517 0.95 -18.22 -11.20
C ARG A 517 1.30 -17.87 -12.63
N VAL A 518 2.38 -18.50 -13.15
CA VAL A 518 2.80 -18.21 -14.51
C VAL A 518 1.68 -18.38 -15.52
N GLN A 519 0.94 -19.50 -15.44
CA GLN A 519 -0.11 -19.79 -16.40
C GLN A 519 -1.05 -18.58 -16.57
N MET A 520 -1.62 -18.09 -15.48
CA MET A 520 -2.48 -16.93 -15.59
C MET A 520 -1.73 -15.65 -15.93
N CYS A 521 -0.55 -15.44 -15.36
CA CYS A 521 0.11 -14.20 -15.65
C CYS A 521 0.64 -14.11 -17.07
N VAL A 522 0.85 -15.24 -17.77
CA VAL A 522 1.30 -15.08 -19.15
C VAL A 522 0.06 -14.54 -19.88
N PHE A 523 -1.11 -14.99 -19.46
CA PHE A 523 -2.34 -14.47 -20.06
C PHE A 523 -2.48 -12.95 -19.82
N TRP A 524 -2.42 -12.50 -18.57
CA TRP A 524 -2.56 -11.08 -18.27
C TRP A 524 -1.40 -10.18 -18.66
N ASN A 525 -0.18 -10.67 -18.64
CA ASN A 525 0.93 -9.80 -18.96
C ASN A 525 1.36 -9.86 -20.41
N GLN A 526 1.03 -10.94 -21.11
CA GLN A 526 1.46 -11.05 -22.49
C GLN A 526 0.30 -11.15 -23.50
N PHE A 527 -0.55 -12.16 -23.35
CA PHE A 527 -1.61 -12.34 -24.31
C PHE A 527 -2.74 -11.30 -24.33
N LEU A 528 -3.43 -11.06 -23.20
CA LEU A 528 -4.53 -10.11 -23.20
C LEU A 528 -4.12 -8.72 -23.76
N PRO A 529 -2.97 -8.19 -23.33
CA PRO A 529 -2.53 -6.89 -23.85
C PRO A 529 -2.31 -6.90 -25.35
N LYS A 530 -1.66 -7.93 -25.87
CA LYS A 530 -1.48 -7.98 -27.32
C LYS A 530 -2.86 -8.04 -27.99
N LEU A 531 -3.80 -8.80 -27.42
CA LEU A 531 -5.12 -8.90 -27.99
C LEU A 531 -5.86 -7.58 -28.00
N LEU A 532 -5.90 -6.89 -26.86
CA LEU A 532 -6.57 -5.58 -26.79
C LEU A 532 -5.93 -4.54 -27.75
N ASN A 533 -4.61 -4.59 -27.95
CA ASN A 533 -3.91 -3.66 -28.86
C ASN A 533 -4.19 -3.96 -30.35
N ALA A 534 -4.41 -5.22 -30.70
CA ALA A 534 -4.66 -5.56 -32.09
C ALA A 534 -6.01 -5.04 -32.49
N THR A 535 -7.00 -5.42 -31.69
CA THR A 535 -8.40 -5.06 -31.88
C THR A 535 -8.65 -3.64 -31.37
C1 NAG B . 24.92 -7.56 -5.24
C2 NAG B . 25.18 -8.94 -5.89
C3 NAG B . 26.55 -9.51 -5.56
C4 NAG B . 27.66 -8.44 -5.77
C5 NAG B . 27.29 -7.14 -5.04
C6 NAG B . 28.30 -6.00 -5.23
C7 NAG B . 23.15 -10.17 -6.32
C8 NAG B . 22.08 -11.14 -5.84
N2 NAG B . 24.16 -9.92 -5.49
O3 NAG B . 26.80 -10.63 -6.39
O4 NAG B . 28.92 -8.94 -5.28
O5 NAG B . 26.00 -6.67 -5.53
O6 NAG B . 27.92 -5.09 -6.25
O7 NAG B . 23.04 -9.63 -7.45
C1 NAG B . 29.95 -9.08 -6.21
C2 NAG B . 31.33 -9.00 -5.54
C3 NAG B . 32.45 -9.16 -6.60
C4 NAG B . 32.22 -10.38 -7.51
C5 NAG B . 30.73 -10.52 -7.97
C6 NAG B . 30.44 -11.91 -8.52
C7 NAG B . 31.29 -7.71 -3.50
C8 NAG B . 31.52 -6.38 -2.77
N2 NAG B . 31.48 -7.73 -4.82
O3 NAG B . 33.70 -9.30 -5.94
O4 NAG B . 33.10 -10.30 -8.64
O5 NAG B . 29.81 -10.36 -6.85
O6 NAG B . 30.15 -12.82 -7.45
O7 NAG B . 30.94 -8.73 -2.87
C1 NAG C . 0.95 16.12 26.25
C2 NAG C . 1.04 16.68 27.69
C3 NAG C . 0.35 15.69 28.67
C4 NAG C . -1.12 15.54 28.30
C5 NAG C . -1.22 15.05 26.83
C6 NAG C . -2.69 14.90 26.32
C7 NAG C . 2.86 18.20 28.04
C8 NAG C . 4.07 18.53 28.90
N2 NAG C . 2.41 16.95 28.07
O3 NAG C . 0.43 16.16 30.02
O4 NAG C . -1.76 14.64 29.24
O5 NAG C . -0.47 15.95 25.91
O6 NAG C . -3.14 15.97 25.50
O7 NAG C . 2.33 19.09 27.36
N1 FBQ D . -7.17 -3.05 3.53
C2 FBQ D . -8.23 -3.83 3.83
C3 FBQ D . -9.51 -3.22 4.07
C4 FBQ D . -9.62 -1.82 3.98
C5 FBQ D . -8.47 -1.01 3.65
C6 FBQ D . -7.23 -1.68 3.43
C7 FBQ D . -10.64 -4.10 4.39
C8 FBQ D . -10.47 -5.51 4.45
C9 FBQ D . -9.20 -6.05 4.20
C10 FBQ D . -8.07 -5.21 3.90
N11 FBQ D . -10.83 -1.17 4.19
C12 FBQ D . -8.61 0.52 3.52
S13 FBQ D . -9.20 0.86 1.76
C14 FBQ D . -9.56 -0.66 0.84
C15 FBQ D . -8.38 -1.46 0.33
C16 FBQ D . -7.28 -0.88 -0.31
C17 FBQ D . -6.22 -1.71 -0.80
C18 FBQ D . -6.25 -3.16 -0.60
C19 FBQ D . -7.37 -3.76 0.05
C20 FBQ D . -8.44 -2.90 0.51
C21 FBQ D . -5.07 -1.18 -1.55
C22 FBQ D . -5.50 -1.06 -3.03
F23 FBQ D . -4.58 -0.45 -3.87
F24 FBQ D . -6.68 -0.27 -3.03
F25 FBQ D . -5.96 -2.31 -3.51
O26 FBQ D . -4.46 0.04 -0.99
F27 FBQ D . -11.88 -3.60 4.65
C28 FBQ D . -5.94 -0.91 3.07
O1 MES E . 10.37 -17.01 -18.03
C2 MES E . 10.17 -15.55 -18.16
C3 MES E . 9.34 -15.18 -17.12
N4 MES E . 8.06 -15.81 -17.31
C5 MES E . 8.16 -17.22 -17.16
C6 MES E . 9.10 -17.79 -18.05
C7 MES E . 7.09 -15.34 -16.40
C8 MES E . 6.79 -13.98 -16.36
S MES E . 5.65 -13.39 -15.69
O1S MES E . 5.01 -14.39 -14.34
O2S MES E . 6.08 -11.80 -15.04
O3S MES E . 4.23 -13.07 -16.79
O1 PG4 F . -20.63 7.96 -3.34
C1 PG4 F . -20.15 6.70 -2.77
C2 PG4 F . -20.06 5.57 -3.89
O2 PG4 F . -19.05 4.56 -3.42
C3 PG4 F . -18.67 3.46 -4.36
C4 PG4 F . -17.79 2.45 -3.58
O3 PG4 F . -16.74 3.21 -2.84
C5 PG4 F . -15.47 2.51 -2.47
C6 PG4 F . -15.51 0.93 -2.56
O4 PG4 F . -14.61 0.37 -1.52
C7 PG4 F . -14.95 0.77 -0.10
C8 PG4 F . -13.87 0.31 0.95
O5 PG4 F . -13.13 1.44 1.51
#